data_1UP0
#
_entry.id   1UP0
#
_cell.length_a   61.605
_cell.length_b   93.095
_cell.length_c   46.667
_cell.angle_alpha   90.00
_cell.angle_beta   90.00
_cell.angle_gamma   90.00
#
_symmetry.space_group_name_H-M   'P 21 21 2'
#
loop_
_entity.id
_entity.type
_entity.pdbx_description
1 polymer 'PUTATIVE CELLULASE CEL6'
2 branched beta-D-glucopyranose-(1-4)-beta-D-glucopyranose
3 non-polymer 'SULFATE ION'
4 non-polymer 'ACETATE ION'
5 non-polymer 2-(2-{2-[2-(2-METHOXY-ETHOXY)-ETHOXY]-ETHOXY}-ETHOXY)-ETHANOL
6 water water
#
_entity_poly.entity_id   1
_entity_poly.type   'polypeptide(L)'
_entity_poly.pdbx_seq_one_letter_code
;MANPLAGKPFYVDPASAA(MHO)VAARNANPPNAELTSVANTPQSYWLDQAFPPATVGGTVARYTGAAQAAGAMPVLTLY
GIPHRDCGSYASGGFATGTDYRGWIDAVASGLGSSPATIIVEPDALAMADCLSPDQRQERFDLVRYAVDTLTRDPAAAVY
VDAGHSRWLSAEAMAARLNDVGVGRARGFSLNVSNFYTTDEEIGYGEAISGLTNGSHYVIDTSRNGAGPAPDAPLNWCNP
SGRALGAPPTTATAGAHADAYLWIKRPGESDGTCGRGEPQAGRFVSQYAIDLAHNAGQ
;
_entity_poly.pdbx_strand_id   A
#
# COMPACT_ATOMS: atom_id res chain seq x y z
N ALA A 2 8.27 -8.08 18.68
CA ALA A 2 8.58 -6.63 18.66
C ALA A 2 8.16 -6.11 17.29
N ASN A 3 8.13 -4.80 17.17
CA ASN A 3 7.69 -4.13 15.94
C ASN A 3 8.79 -4.28 14.92
N PRO A 4 8.54 -4.99 13.83
CA PRO A 4 9.59 -5.22 12.84
C PRO A 4 9.96 -3.97 12.06
N LEU A 5 9.17 -2.90 12.17
CA LEU A 5 9.38 -1.70 11.39
C LEU A 5 10.18 -0.68 12.17
N ALA A 6 10.46 -0.93 13.44
CA ALA A 6 11.20 0.02 14.25
C ALA A 6 12.71 -0.17 14.00
N GLY A 7 13.53 0.82 14.28
CA GLY A 7 14.97 0.53 14.15
C GLY A 7 15.69 0.89 12.86
N LYS A 8 14.99 1.08 11.74
CA LYS A 8 15.65 1.78 10.64
C LYS A 8 14.70 2.63 9.82
N PRO A 9 15.24 3.65 9.16
CA PRO A 9 14.39 4.54 8.39
C PRO A 9 13.79 3.74 7.26
N PHE A 10 12.65 4.19 6.79
CA PHE A 10 12.07 3.64 5.59
C PHE A 10 12.84 4.17 4.38
N TYR A 11 12.92 3.36 3.34
CA TYR A 11 13.71 3.66 2.15
C TYR A 11 13.06 4.72 1.29
N VAL A 12 13.86 5.73 0.95
CA VAL A 12 13.45 6.73 -0.04
C VAL A 12 13.88 6.25 -1.41
N ASP A 13 12.93 6.10 -2.31
CA ASP A 13 13.20 5.61 -3.65
C ASP A 13 13.87 6.74 -4.44
N PRO A 14 15.14 6.58 -4.84
CA PRO A 14 15.83 7.70 -5.52
C PRO A 14 15.33 7.94 -6.96
N ALA A 15 14.54 7.02 -7.49
CA ALA A 15 14.11 7.04 -8.91
C ALA A 15 12.60 7.28 -9.06
N SER A 16 11.94 7.74 -8.00
CA SER A 16 10.50 7.91 -8.03
C SER A 16 10.21 9.06 -9.01
N ALA A 17 8.99 9.09 -9.54
CA ALA A 17 8.55 10.20 -10.37
C ALA A 17 8.65 11.52 -9.60
N ALA A 18 8.39 11.50 -8.29
CA ALA A 18 8.53 12.68 -7.46
C ALA A 18 9.96 13.21 -7.44
N VAL A 20 12.16 12.70 -9.77
CA VAL A 20 12.43 13.20 -11.13
C VAL A 20 11.87 14.62 -11.29
N ALA A 21 10.63 14.81 -10.87
CA ALA A 21 10.02 16.14 -10.88
C ALA A 21 10.77 17.15 -10.01
N ALA A 22 11.14 16.78 -8.79
CA ALA A 22 11.84 17.69 -7.89
C ALA A 22 13.20 18.09 -8.46
N ARG A 23 13.89 17.18 -9.11
CA ARG A 23 15.21 17.47 -9.69
C ARG A 23 15.08 18.34 -10.93
N ASN A 24 14.00 18.17 -11.66
CA ASN A 24 13.76 18.89 -12.94
C ASN A 24 13.15 20.28 -12.71
N ALA A 25 12.54 20.50 -11.57
CA ALA A 25 11.91 21.77 -11.25
C ALA A 25 12.85 22.98 -11.41
N ASN A 26 12.37 24.00 -12.14
CA ASN A 26 13.21 25.14 -12.45
C ASN A 26 12.37 26.38 -12.30
N PRO A 27 12.47 27.12 -11.20
CA PRO A 27 13.43 26.89 -10.12
C PRO A 27 12.98 25.73 -9.20
N PRO A 28 13.87 25.27 -8.32
CA PRO A 28 13.51 24.22 -7.36
C PRO A 28 12.20 24.56 -6.62
N ASN A 29 11.39 23.54 -6.36
CA ASN A 29 10.06 23.68 -5.81
C ASN A 29 10.03 23.01 -4.43
N ALA A 30 9.65 23.75 -3.39
CA ALA A 30 9.75 23.21 -2.02
C ALA A 30 8.78 22.06 -1.79
N GLU A 31 7.64 22.11 -2.44
CA GLU A 31 6.61 21.10 -2.27
C GLU A 31 7.03 19.77 -2.90
N LEU A 32 7.56 19.81 -4.13
CA LEU A 32 8.03 18.58 -4.79
C LEU A 32 9.20 18.00 -4.04
N THR A 33 10.12 18.86 -3.60
CA THR A 33 11.26 18.37 -2.86
C THR A 33 10.81 17.65 -1.57
N SER A 34 9.87 18.23 -0.86
CA SER A 34 9.37 17.61 0.39
C SER A 34 8.84 16.22 0.13
N VAL A 35 7.91 16.12 -0.82
CA VAL A 35 7.31 14.86 -1.21
C VAL A 35 8.36 13.86 -1.70
N ALA A 36 9.27 14.31 -2.55
CA ALA A 36 10.30 13.44 -3.12
C ALA A 36 11.22 12.81 -2.09
N ASN A 37 11.49 13.53 -1.02
CA ASN A 37 12.43 13.08 0.03
C ASN A 37 11.72 12.29 1.15
N THR A 38 10.45 11.99 0.97
CA THR A 38 9.70 11.24 2.00
C THR A 38 9.57 9.81 1.52
N PRO A 39 9.89 8.83 2.35
CA PRO A 39 9.82 7.42 1.92
C PRO A 39 8.35 6.99 1.62
N GLN A 40 8.14 6.24 0.54
N GLN A 40 8.22 6.28 0.49
CA GLN A 40 6.80 5.86 0.14
CA GLN A 40 6.94 5.76 -0.02
C GLN A 40 6.67 4.32 0.08
C GLN A 40 7.10 4.38 -0.64
N SER A 41 6.03 3.77 -0.95
N SER A 41 6.02 3.65 -0.74
CA SER A 41 6.16 2.31 -1.25
CA SER A 41 6.16 2.29 -1.24
C SER A 41 6.31 2.20 -2.74
N TYR A 42 6.87 1.09 -3.17
CA TYR A 42 7.14 0.80 -4.56
C TYR A 42 6.08 -0.24 -5.01
N TRP A 43 5.26 0.13 -6.00
CA TRP A 43 4.12 -0.72 -6.41
C TRP A 43 4.50 -1.63 -7.57
N LEU A 44 4.17 -2.92 -7.42
CA LEU A 44 4.45 -3.93 -8.45
C LEU A 44 3.12 -4.50 -8.88
N ASP A 45 2.97 -4.67 -10.19
CA ASP A 45 1.80 -5.31 -10.74
C ASP A 45 2.18 -6.14 -11.95
N GLN A 46 1.21 -6.36 -12.83
CA GLN A 46 1.39 -7.26 -13.97
C GLN A 46 2.36 -6.75 -15.05
N ALA A 47 2.81 -5.50 -14.94
CA ALA A 47 3.93 -4.98 -15.73
C ALA A 47 5.27 -5.61 -15.41
N PHE A 48 5.33 -6.30 -14.27
CA PHE A 48 6.54 -6.98 -13.83
C PHE A 48 6.24 -8.46 -13.89
N PRO A 49 6.56 -9.15 -15.01
CA PRO A 49 6.13 -10.54 -15.13
C PRO A 49 6.81 -11.48 -14.16
N PRO A 50 6.23 -12.63 -13.87
CA PRO A 50 6.91 -13.64 -13.04
C PRO A 50 8.36 -13.97 -13.46
N ALA A 51 8.61 -13.95 -14.76
CA ALA A 51 9.92 -14.30 -15.25
C ALA A 51 11.01 -13.37 -14.78
N THR A 52 10.68 -12.13 -14.47
CA THR A 52 11.72 -11.14 -14.10
C THR A 52 11.52 -10.42 -12.78
N VAL A 53 10.32 -10.48 -12.20
CA VAL A 53 10.02 -9.66 -11.02
C VAL A 53 10.94 -10.03 -9.83
N GLY A 54 11.43 -11.26 -9.79
CA GLY A 54 12.35 -11.67 -8.76
C GLY A 54 13.58 -10.78 -8.72
N GLY A 55 14.15 -10.55 -9.89
CA GLY A 55 15.32 -9.73 -10.02
C GLY A 55 15.04 -8.28 -9.65
N THR A 56 13.84 -7.80 -10.02
CA THR A 56 13.40 -6.44 -9.71
C THR A 56 13.32 -6.27 -8.18
N VAL A 57 12.75 -7.28 -7.53
CA VAL A 57 12.58 -7.24 -6.07
C VAL A 57 13.93 -7.34 -5.36
N ALA A 58 14.79 -8.24 -5.82
CA ALA A 58 16.12 -8.42 -5.23
C ALA A 58 16.93 -7.13 -5.36
N ARG A 59 16.82 -6.47 -6.51
CA ARG A 59 17.48 -5.18 -6.73
C ARG A 59 17.00 -4.14 -5.73
N TYR A 60 15.70 -4.03 -5.55
CA TYR A 60 15.14 -2.95 -4.73
C TYR A 60 15.43 -3.21 -3.25
N THR A 61 15.26 -4.45 -2.80
CA THR A 61 15.49 -4.75 -1.39
C THR A 61 16.98 -4.69 -1.07
N GLY A 62 17.83 -5.05 -2.03
CA GLY A 62 19.28 -4.93 -1.86
C GLY A 62 19.73 -3.47 -1.81
N ALA A 63 19.12 -2.61 -2.63
CA ALA A 63 19.41 -1.18 -2.62
C ALA A 63 19.01 -0.57 -1.30
N ALA A 64 17.87 -0.99 -0.79
CA ALA A 64 17.41 -0.46 0.49
C ALA A 64 18.35 -0.89 1.61
N GLN A 65 18.77 -2.15 1.59
CA GLN A 65 19.77 -2.63 2.56
C GLN A 65 21.09 -1.86 2.49
N ALA A 66 21.55 -1.53 1.29
CA ALA A 66 22.73 -0.70 1.09
C ALA A 66 22.58 0.73 1.61
N ALA A 67 21.35 1.22 1.73
CA ALA A 67 21.05 2.52 2.29
C ALA A 67 20.75 2.46 3.77
N GLY A 68 20.82 1.27 4.36
CA GLY A 68 20.50 1.09 5.76
C GLY A 68 19.04 1.29 6.12
N ALA A 69 18.17 0.91 5.19
CA ALA A 69 16.74 1.28 5.26
C ALA A 69 15.83 0.13 4.95
N MET A 70 14.57 0.27 5.40
CA MET A 70 13.55 -0.73 5.19
C MET A 70 12.74 -0.43 3.93
N PRO A 71 12.79 -1.30 2.91
CA PRO A 71 11.99 -1.09 1.72
C PRO A 71 10.54 -1.47 2.01
N VAL A 72 9.63 -0.72 1.40
CA VAL A 72 8.18 -0.99 1.45
C VAL A 72 7.73 -1.24 -0.01
N LEU A 73 7.18 -2.41 -0.24
CA LEU A 73 6.69 -2.84 -1.53
C LEU A 73 5.20 -3.14 -1.46
N THR A 74 4.46 -2.66 -2.44
CA THR A 74 3.04 -2.93 -2.52
C THR A 74 2.76 -3.84 -3.71
N LEU A 75 2.10 -4.96 -3.45
CA LEU A 75 1.72 -5.91 -4.50
C LEU A 75 0.32 -5.65 -4.96
N TYR A 76 0.15 -5.43 -6.26
CA TYR A 76 -1.13 -5.00 -6.80
C TYR A 76 -1.38 -5.68 -8.13
N GLY A 77 -1.36 -7.01 -8.08
CA GLY A 77 -1.47 -7.86 -9.25
C GLY A 77 -2.65 -8.80 -9.26
N ILE A 78 -3.58 -8.67 -8.32
CA ILE A 78 -4.64 -9.70 -8.16
C ILE A 78 -5.49 -9.80 -9.44
N PRO A 79 -5.87 -11.01 -9.84
CA PRO A 79 -6.82 -11.12 -10.97
C PRO A 79 -8.12 -10.33 -10.72
N HIS A 80 -8.63 -9.70 -11.75
CA HIS A 80 -9.89 -8.92 -11.70
C HIS A 80 -9.72 -7.73 -10.77
N ARG A 81 -8.50 -7.17 -10.81
CA ARG A 81 -8.13 -6.06 -9.95
C ARG A 81 -9.02 -4.86 -10.21
N ASP A 82 -9.40 -4.20 -9.11
CA ASP A 82 -10.22 -2.98 -9.10
C ASP A 82 -11.56 -3.25 -9.78
N CYS A 83 -11.94 -4.54 -9.84
CA CYS A 83 -13.16 -4.98 -10.52
C CYS A 83 -13.36 -4.26 -11.85
N GLY A 84 -12.26 -4.05 -12.58
CA GLY A 84 -12.30 -3.42 -13.91
C GLY A 84 -12.69 -1.94 -13.96
N SER A 85 -12.45 -1.22 -12.87
CA SER A 85 -12.72 0.23 -12.77
C SER A 85 -11.45 1.00 -13.18
N TYR A 86 -11.22 2.20 -12.61
CA TYR A 86 -10.13 3.10 -13.09
C TYR A 86 -8.73 2.48 -13.02
N ALA A 87 -8.54 1.58 -12.06
CA ALA A 87 -7.26 0.91 -11.84
C ALA A 87 -7.29 -0.57 -12.29
N SER A 88 -8.04 -0.86 -13.35
CA SER A 88 -8.13 -2.23 -13.91
C SER A 88 -6.74 -2.76 -14.32
N GLY A 89 -6.63 -4.09 -14.28
CA GLY A 89 -5.39 -4.80 -14.60
C GLY A 89 -5.32 -6.07 -13.76
N GLY A 90 -4.14 -6.35 -13.24
CA GLY A 90 -3.91 -7.60 -12.55
C GLY A 90 -3.62 -8.71 -13.52
N PHE A 91 -3.06 -9.79 -13.02
CA PHE A 91 -2.77 -10.94 -13.83
C PHE A 91 -4.05 -11.61 -14.32
N ALA A 92 -3.92 -12.30 -15.45
CA ALA A 92 -5.10 -12.89 -16.10
C ALA A 92 -5.74 -14.03 -15.30
N THR A 93 -4.93 -14.90 -14.70
CA THR A 93 -5.41 -16.04 -13.96
C THR A 93 -4.73 -16.25 -12.61
N GLY A 94 -5.34 -17.09 -11.79
CA GLY A 94 -4.79 -17.51 -10.52
C GLY A 94 -3.45 -18.20 -10.70
N THR A 95 -3.30 -19.05 -11.72
CA THR A 95 -2.02 -19.68 -11.98
C THR A 95 -0.91 -18.66 -12.22
N ASP A 96 -1.21 -17.63 -13.00
CA ASP A 96 -0.21 -16.59 -13.28
C ASP A 96 0.15 -15.88 -11.96
N TYR A 97 -0.88 -15.56 -11.19
CA TYR A 97 -0.68 -14.84 -9.93
C TYR A 97 0.19 -15.64 -8.96
N ARG A 98 -0.06 -16.94 -8.87
CA ARG A 98 0.75 -17.79 -8.00
C ARG A 98 2.21 -17.83 -8.43
N GLY A 99 2.47 -17.89 -9.74
CA GLY A 99 3.83 -17.86 -10.25
C GLY A 99 4.51 -16.52 -9.97
N TRP A 100 3.72 -15.45 -10.03
CA TRP A 100 4.21 -14.14 -9.68
C TRP A 100 4.65 -14.04 -8.22
N ILE A 101 3.79 -14.48 -7.31
CA ILE A 101 4.12 -14.54 -5.88
C ILE A 101 5.38 -15.38 -5.61
N ASP A 102 5.48 -16.55 -6.26
CA ASP A 102 6.69 -17.34 -6.11
C ASP A 102 7.93 -16.58 -6.51
N ALA A 103 7.85 -15.84 -7.61
CA ALA A 103 9.00 -15.07 -8.09
C ALA A 103 9.33 -13.92 -7.17
N VAL A 104 8.30 -13.24 -6.63
CA VAL A 104 8.53 -12.16 -5.67
C VAL A 104 9.24 -12.72 -4.44
N ALA A 105 8.75 -13.86 -3.92
CA ALA A 105 9.37 -14.52 -2.77
C ALA A 105 10.84 -14.92 -3.04
N SER A 106 11.12 -15.37 -4.26
CA SER A 106 12.48 -15.73 -4.64
CA SER A 106 12.48 -15.74 -4.66
C SER A 106 13.40 -14.50 -4.59
N GLY A 107 12.89 -13.35 -4.99
CA GLY A 107 13.67 -12.14 -4.98
C GLY A 107 13.86 -11.61 -3.58
N LEU A 108 12.88 -11.82 -2.69
CA LEU A 108 13.02 -11.42 -1.29
C LEU A 108 14.10 -12.18 -0.55
N GLY A 109 14.23 -13.49 -0.82
CA GLY A 109 15.16 -14.32 -0.08
C GLY A 109 14.93 -14.21 1.39
N SER A 110 16.00 -13.84 2.13
CA SER A 110 15.92 -13.60 3.57
CA SER A 110 15.87 -13.59 3.56
C SER A 110 16.08 -12.12 3.91
N SER A 111 15.88 -11.24 2.92
CA SER A 111 16.14 -9.80 3.08
CA SER A 111 16.16 -9.80 3.08
C SER A 111 15.00 -9.05 3.76
N PRO A 112 15.31 -8.00 4.49
CA PRO A 112 14.26 -7.19 5.13
C PRO A 112 13.36 -6.53 4.09
N ALA A 113 12.07 -6.59 4.32
CA ALA A 113 11.11 -5.89 3.48
C ALA A 113 9.80 -5.75 4.21
N THR A 114 9.06 -4.70 3.88
CA THR A 114 7.69 -4.54 4.29
C THR A 114 6.83 -4.75 3.06
N ILE A 115 5.86 -5.65 3.14
CA ILE A 115 5.01 -5.97 1.98
C ILE A 115 3.55 -5.63 2.30
N ILE A 116 2.96 -4.78 1.49
CA ILE A 116 1.54 -4.49 1.50
C ILE A 116 0.86 -5.37 0.44
N VAL A 117 0.04 -6.31 0.87
CA VAL A 117 -0.53 -7.31 -0.03
C VAL A 117 -1.92 -6.90 -0.52
N GLU A 118 -1.96 -6.49 -1.78
CA GLU A 118 -3.19 -6.30 -2.57
C GLU A 118 -4.20 -5.33 -2.00
N PRO A 119 -3.83 -4.04 -2.05
CA PRO A 119 -4.80 -2.98 -1.75
C PRO A 119 -6.17 -3.30 -2.38
N ASP A 120 -7.21 -3.24 -1.55
CA ASP A 120 -8.62 -3.34 -1.95
C ASP A 120 -9.11 -4.76 -2.21
N ALA A 121 -8.21 -5.74 -2.30
CA ALA A 121 -8.64 -7.05 -2.81
C ALA A 121 -9.70 -7.72 -1.94
N LEU A 122 -9.45 -7.84 -0.64
CA LEU A 122 -10.45 -8.41 0.26
C LEU A 122 -11.68 -7.52 0.40
N ALA A 123 -11.50 -6.21 0.44
CA ALA A 123 -12.63 -5.31 0.67
C ALA A 123 -13.57 -5.24 -0.53
N MET A 124 -13.02 -5.44 -1.71
CA MET A 124 -13.80 -5.30 -2.94
C MET A 124 -14.32 -6.66 -3.44
N ALA A 125 -14.02 -7.73 -2.71
CA ALA A 125 -14.20 -9.08 -3.23
C ALA A 125 -15.66 -9.39 -3.60
N ASP A 126 -16.63 -8.68 -3.02
CA ASP A 126 -18.03 -9.00 -3.31
C ASP A 126 -18.50 -8.57 -4.70
N CYS A 127 -17.68 -7.86 -5.46
CA CYS A 127 -17.98 -7.61 -6.85
C CYS A 127 -17.81 -8.87 -7.68
N LEU A 128 -17.16 -9.87 -7.12
CA LEU A 128 -16.93 -11.14 -7.81
C LEU A 128 -18.06 -12.15 -7.62
N SER A 129 -18.13 -13.14 -8.51
CA SER A 129 -18.99 -14.29 -8.26
C SER A 129 -18.49 -15.06 -7.04
N PRO A 130 -19.35 -15.83 -6.38
CA PRO A 130 -18.90 -16.66 -5.26
C PRO A 130 -17.63 -17.50 -5.54
N ASP A 131 -17.54 -18.14 -6.72
CA ASP A 131 -16.37 -18.93 -7.11
C ASP A 131 -15.11 -18.08 -7.28
N GLN A 132 -15.28 -16.94 -7.95
CA GLN A 132 -14.17 -16.02 -8.14
C GLN A 132 -13.72 -15.40 -6.80
N ARG A 133 -14.67 -15.18 -5.88
CA ARG A 133 -14.38 -14.59 -4.56
C ARG A 133 -13.57 -15.60 -3.76
N GLN A 134 -13.97 -16.87 -3.83
CA GLN A 134 -13.21 -17.91 -3.15
C GLN A 134 -11.80 -18.04 -3.71
N GLU A 135 -11.67 -17.95 -5.03
CA GLU A 135 -10.37 -17.98 -5.66
C GLU A 135 -9.53 -16.79 -5.15
N ARG A 136 -10.15 -15.62 -5.08
CA ARG A 136 -9.40 -14.44 -4.61
C ARG A 136 -8.86 -14.66 -3.21
N PHE A 137 -9.68 -15.13 -2.30
CA PHE A 137 -9.23 -15.43 -0.93
C PHE A 137 -8.09 -16.45 -0.92
N ASP A 138 -8.20 -17.47 -1.78
CA ASP A 138 -7.17 -18.49 -1.90
C ASP A 138 -5.84 -17.86 -2.38
N LEU A 139 -5.92 -16.89 -3.28
CA LEU A 139 -4.72 -16.25 -3.82
C LEU A 139 -4.07 -15.33 -2.79
N VAL A 140 -4.87 -14.61 -2.01
CA VAL A 140 -4.31 -13.79 -0.96
C VAL A 140 -3.69 -14.67 0.13
N ARG A 141 -4.31 -15.80 0.43
CA ARG A 141 -3.77 -16.72 1.39
C ARG A 141 -2.46 -17.30 0.86
N TYR A 142 -2.39 -17.56 -0.45
CA TYR A 142 -1.15 -18.07 -1.07
C TYR A 142 -0.03 -17.02 -0.94
N ALA A 143 -0.37 -15.75 -1.11
CA ALA A 143 0.63 -14.70 -0.96
C ALA A 143 1.18 -14.70 0.46
N VAL A 144 0.29 -14.77 1.45
CA VAL A 144 0.70 -14.77 2.85
C VAL A 144 1.62 -16.00 3.15
N ASP A 145 1.18 -17.16 2.72
CA ASP A 145 1.88 -18.41 3.07
C ASP A 145 3.26 -18.41 2.41
N THR A 146 3.36 -17.84 1.21
CA THR A 146 4.61 -17.87 0.46
C THR A 146 5.60 -16.75 0.80
N LEU A 147 5.09 -15.55 0.93
CA LEU A 147 5.94 -14.41 1.24
C LEU A 147 6.55 -14.50 2.66
N THR A 148 5.80 -15.07 3.60
CA THR A 148 6.24 -15.13 5.01
C THR A 148 7.34 -16.15 5.19
N ARG A 149 7.68 -16.87 4.13
CA ARG A 149 8.85 -17.72 4.21
C ARG A 149 10.18 -16.93 4.28
N ASP A 150 10.16 -15.67 3.88
CA ASP A 150 11.21 -14.71 4.21
C ASP A 150 10.94 -14.29 5.67
N PRO A 151 11.74 -14.74 6.65
CA PRO A 151 11.50 -14.38 8.05
C PRO A 151 11.52 -12.86 8.26
N ALA A 152 12.25 -12.16 7.40
CA ALA A 152 12.47 -10.73 7.50
C ALA A 152 11.49 -9.88 6.72
N ALA A 153 10.51 -10.53 6.12
CA ALA A 153 9.40 -9.83 5.50
C ALA A 153 8.31 -9.58 6.52
N ALA A 154 7.97 -8.31 6.69
CA ALA A 154 6.86 -7.87 7.53
C ALA A 154 5.70 -7.73 6.58
N VAL A 155 4.73 -8.65 6.68
CA VAL A 155 3.66 -8.76 5.71
C VAL A 155 2.34 -8.26 6.29
N TYR A 156 1.70 -7.36 5.55
CA TYR A 156 0.48 -6.69 5.98
C TYR A 156 -0.54 -6.89 4.84
N VAL A 157 -1.58 -7.64 5.13
CA VAL A 157 -2.60 -7.93 4.13
C VAL A 157 -3.52 -6.71 4.10
N ASP A 158 -3.85 -6.21 2.93
CA ASP A 158 -4.68 -5.03 2.91
C ASP A 158 -6.11 -5.31 3.38
N ALA A 159 -6.64 -4.39 4.17
CA ALA A 159 -7.92 -4.58 4.86
C ALA A 159 -8.87 -3.41 4.64
N GLY A 160 -8.68 -2.65 3.55
CA GLY A 160 -9.59 -1.55 3.27
C GLY A 160 -9.45 -0.37 4.20
N HIS A 161 -10.59 0.12 4.71
CA HIS A 161 -10.57 1.28 5.60
C HIS A 161 -11.86 1.31 6.39
N SER A 162 -11.93 2.28 7.30
CA SER A 162 -12.97 2.32 8.31
C SER A 162 -14.37 2.59 7.80
N ARG A 163 -14.52 2.96 6.53
CA ARG A 163 -15.82 3.14 5.91
C ARG A 163 -16.07 2.22 4.73
N TRP A 164 -15.39 1.08 4.74
CA TRP A 164 -15.56 0.11 3.69
C TRP A 164 -16.30 -1.06 4.35
N LEU A 165 -15.65 -2.19 4.59
CA LEU A 165 -16.32 -3.25 5.34
C LEU A 165 -16.29 -2.97 6.81
N SER A 166 -17.17 -3.61 7.55
CA SER A 166 -17.11 -3.57 8.97
C SER A 166 -15.87 -4.28 9.51
N ALA A 167 -15.50 -3.92 10.72
CA ALA A 167 -14.37 -4.56 11.39
C ALA A 167 -14.62 -6.08 11.47
N GLU A 168 -15.86 -6.46 11.78
CA GLU A 168 -16.18 -7.87 11.88
C GLU A 168 -16.05 -8.58 10.55
N ALA A 169 -16.57 -7.99 9.48
CA ALA A 169 -16.57 -8.58 8.17
C ALA A 169 -15.14 -8.71 7.66
N MET A 170 -14.37 -7.64 7.84
CA MET A 170 -12.97 -7.67 7.36
C MET A 170 -12.13 -8.63 8.21
N ALA A 171 -12.37 -8.69 9.51
CA ALA A 171 -11.63 -9.62 10.36
C ALA A 171 -11.88 -11.05 9.94
N ALA A 172 -13.12 -11.36 9.54
CA ALA A 172 -13.44 -12.71 9.06
C ALA A 172 -12.60 -13.05 7.82
N ARG A 173 -12.47 -12.09 6.91
CA ARG A 173 -11.71 -12.28 5.68
C ARG A 173 -10.23 -12.40 5.98
N LEU A 174 -9.71 -11.54 6.85
CA LEU A 174 -8.31 -11.68 7.29
C LEU A 174 -8.05 -13.03 7.91
N ASN A 175 -8.97 -13.52 8.76
CA ASN A 175 -8.73 -14.77 9.42
C ASN A 175 -8.76 -15.90 8.42
N ASP A 176 -9.59 -15.78 7.38
CA ASP A 176 -9.66 -16.76 6.35
C ASP A 176 -8.41 -16.86 5.50
N VAL A 177 -7.68 -15.76 5.33
CA VAL A 177 -6.49 -15.74 4.48
C VAL A 177 -5.19 -15.95 5.28
N GLY A 178 -5.30 -16.29 6.56
CA GLY A 178 -4.15 -16.66 7.38
C GLY A 178 -3.40 -15.45 7.92
N VAL A 179 -4.12 -14.38 8.25
CA VAL A 179 -3.52 -13.16 8.80
C VAL A 179 -2.61 -13.46 9.99
N GLY A 180 -2.91 -14.52 10.73
CA GLY A 180 -2.08 -14.95 11.85
C GLY A 180 -0.64 -15.32 11.51
N ARG A 181 -0.39 -15.66 10.26
CA ARG A 181 0.92 -15.99 9.79
C ARG A 181 1.70 -14.73 9.38
N ALA A 182 0.97 -13.69 8.99
CA ALA A 182 1.54 -12.40 8.63
C ALA A 182 1.75 -11.56 9.90
N ARG A 183 2.27 -10.36 9.73
CA ARG A 183 2.37 -9.41 10.83
C ARG A 183 1.01 -8.82 11.14
N GLY A 184 0.22 -8.61 10.09
CA GLY A 184 -1.12 -8.09 10.21
C GLY A 184 -1.70 -7.56 8.92
N PHE A 185 -2.20 -6.33 9.02
CA PHE A 185 -2.97 -5.74 7.94
C PHE A 185 -2.69 -4.26 7.71
N SER A 186 -3.12 -3.77 6.55
CA SER A 186 -2.99 -2.33 6.21
C SER A 186 -4.35 -1.65 6.06
N LEU A 187 -4.37 -0.35 6.37
CA LEU A 187 -5.58 0.47 6.30
C LEU A 187 -5.36 1.76 5.55
N ASN A 188 -6.43 2.24 4.92
CA ASN A 188 -6.51 3.59 4.35
C ASN A 188 -5.67 3.77 3.08
N VAL A 189 -5.27 2.66 2.45
CA VAL A 189 -4.39 2.75 1.30
C VAL A 189 -5.09 3.53 0.18
N SER A 190 -4.42 4.60 -0.25
CA SER A 190 -4.89 5.49 -1.28
C SER A 190 -6.15 6.24 -0.89
N ASN A 191 -6.48 6.24 0.40
CA ASN A 191 -7.65 6.98 0.87
C ASN A 191 -7.22 8.12 1.82
N PHE A 192 -8.17 8.70 2.56
CA PHE A 192 -8.04 10.03 3.15
C PHE A 192 -8.60 10.14 4.57
N TYR A 193 -9.06 9.02 5.15
CA TYR A 193 -9.62 9.06 6.50
C TYR A 193 -8.56 9.41 7.53
N THR A 194 -8.99 10.11 8.58
CA THR A 194 -8.07 10.52 9.62
C THR A 194 -7.38 9.35 10.28
N THR A 195 -6.20 9.61 10.75
CA THR A 195 -5.44 8.61 11.47
C THR A 195 -6.18 8.09 12.67
N ASP A 196 -6.81 9.01 13.42
CA ASP A 196 -7.59 8.61 14.58
C ASP A 196 -8.70 7.63 14.26
N GLU A 197 -9.41 7.88 13.17
CA GLU A 197 -10.52 7.02 12.78
C GLU A 197 -9.97 5.64 12.44
N GLU A 198 -8.84 5.62 11.73
CA GLU A 198 -8.25 4.37 11.30
C GLU A 198 -7.65 3.60 12.48
N ILE A 199 -7.14 4.30 13.50
CA ILE A 199 -6.67 3.63 14.71
C ILE A 199 -7.83 2.91 15.40
N GLY A 200 -8.98 3.59 15.56
CA GLY A 200 -10.08 2.90 16.20
C GLY A 200 -10.55 1.63 15.48
N TYR A 201 -10.53 1.71 14.15
CA TYR A 201 -10.91 0.60 13.30
C TYR A 201 -9.88 -0.49 13.37
N GLY A 202 -8.60 -0.10 13.30
CA GLY A 202 -7.50 -1.06 13.40
C GLY A 202 -7.44 -1.81 14.73
N GLU A 203 -7.69 -1.09 15.82
CA GLU A 203 -7.69 -1.77 17.10
C GLU A 203 -8.88 -2.74 17.20
N ALA A 204 -10.01 -2.39 16.58
CA ALA A 204 -11.14 -3.29 16.55
C ALA A 204 -10.81 -4.59 15.76
N ILE A 205 -10.21 -4.44 14.61
CA ILE A 205 -9.83 -5.60 13.79
C ILE A 205 -8.78 -6.44 14.54
N SER A 206 -7.84 -5.77 15.19
CA SER A 206 -6.77 -6.43 15.92
C SER A 206 -7.36 -7.35 16.99
N GLY A 207 -8.37 -6.85 17.69
CA GLY A 207 -9.12 -7.58 18.71
C GLY A 207 -9.77 -8.83 18.17
N LEU A 208 -10.17 -8.80 16.90
CA LEU A 208 -10.84 -9.90 16.24
C LEU A 208 -9.91 -10.82 15.42
N THR A 209 -8.60 -10.55 15.43
CA THR A 209 -7.60 -11.32 14.68
C THR A 209 -6.45 -11.68 15.59
N ASN A 210 -6.75 -11.96 16.85
CA ASN A 210 -5.77 -12.43 17.85
C ASN A 210 -4.59 -11.49 18.09
N GLY A 211 -4.85 -10.19 18.04
CA GLY A 211 -3.88 -9.19 18.39
C GLY A 211 -2.94 -8.79 17.26
N SER A 212 -3.39 -8.98 16.02
CA SER A 212 -2.55 -8.62 14.87
CA SER A 212 -2.61 -8.62 14.83
C SER A 212 -2.25 -7.13 14.84
N HIS A 213 -1.20 -6.77 14.12
CA HIS A 213 -0.75 -5.39 14.06
C HIS A 213 -1.09 -4.78 12.68
N TYR A 214 -1.04 -3.46 12.57
CA TYR A 214 -1.41 -2.84 11.33
C TYR A 214 -0.58 -1.59 11.01
N VAL A 215 -0.62 -1.20 9.75
CA VAL A 215 -0.08 0.06 9.32
C VAL A 215 -1.20 0.89 8.71
N ILE A 216 -1.08 2.21 8.81
CA ILE A 216 -2.04 3.15 8.22
C ILE A 216 -1.33 4.00 7.15
N ASP A 217 -1.93 4.10 5.97
CA ASP A 217 -1.51 4.99 4.92
C ASP A 217 -1.91 6.42 5.30
N THR A 218 -0.92 7.25 5.63
CA THR A 218 -1.15 8.66 5.98
C THR A 218 -0.68 9.61 4.85
N SER A 219 -0.46 9.07 3.64
CA SER A 219 0.01 9.89 2.53
C SER A 219 -0.85 11.15 2.23
N ARG A 220 -2.15 11.03 2.39
CA ARG A 220 -3.06 12.09 1.94
C ARG A 220 -4.17 12.40 2.93
N ASN A 221 -3.95 12.10 4.23
CA ASN A 221 -5.06 12.18 5.18
C ASN A 221 -4.96 13.35 6.20
N GLY A 222 -4.11 14.33 5.89
CA GLY A 222 -3.85 15.40 6.81
C GLY A 222 -5.03 16.30 7.08
N ALA A 223 -5.96 16.36 6.12
CA ALA A 223 -7.17 17.16 6.21
C ALA A 223 -8.43 16.27 6.24
N GLY A 224 -8.23 14.97 6.52
CA GLY A 224 -9.32 14.03 6.46
C GLY A 224 -9.90 13.91 5.06
N PRO A 225 -11.05 13.27 4.96
CA PRO A 225 -11.68 13.02 3.68
C PRO A 225 -12.53 14.17 3.16
N ALA A 226 -12.77 14.16 1.87
CA ALA A 226 -13.69 15.07 1.24
C ALA A 226 -15.09 14.68 1.65
N PRO A 227 -16.04 15.61 1.54
CA PRO A 227 -17.44 15.30 1.86
C PRO A 227 -17.93 14.06 1.14
N ASP A 228 -18.62 13.23 1.93
CA ASP A 228 -19.21 11.95 1.57
C ASP A 228 -19.89 12.07 0.23
N ALA A 229 -19.42 11.30 -0.74
CA ALA A 229 -19.97 11.36 -2.08
C ALA A 229 -19.41 10.19 -2.91
N PRO A 230 -20.05 9.87 -4.02
CA PRO A 230 -19.43 8.95 -4.98
C PRO A 230 -18.20 9.57 -5.63
N LEU A 231 -17.14 8.78 -5.65
CA LEU A 231 -15.85 9.18 -6.24
C LEU A 231 -15.17 10.22 -5.39
N ASN A 232 -15.61 10.38 -4.13
CA ASN A 232 -14.94 11.33 -3.25
C ASN A 232 -13.52 10.87 -2.94
N TRP A 233 -13.20 9.63 -3.34
CA TRP A 233 -11.86 9.06 -3.20
C TRP A 233 -11.02 9.21 -4.49
N CYS A 234 -11.63 9.73 -5.57
CA CYS A 234 -10.97 9.76 -6.87
C CYS A 234 -10.46 11.18 -7.18
N ASN A 235 -9.17 11.42 -6.97
CA ASN A 235 -8.56 12.75 -7.11
C ASN A 235 -9.37 13.88 -6.48
N PRO A 236 -9.78 13.74 -5.23
CA PRO A 236 -10.48 14.85 -4.54
C PRO A 236 -9.58 16.05 -4.33
N SER A 237 -10.19 17.23 -4.41
CA SER A 237 -9.46 18.44 -4.11
C SER A 237 -9.52 18.68 -2.60
N GLY A 238 -8.68 19.58 -2.16
CA GLY A 238 -8.64 20.07 -0.77
C GLY A 238 -8.04 19.10 0.25
N ARG A 239 -7.39 18.05 -0.22
CA ARG A 239 -6.74 17.08 0.69
C ARG A 239 -5.31 17.48 0.94
N ALA A 240 -4.77 16.99 2.07
CA ALA A 240 -3.44 17.41 2.48
C ALA A 240 -2.62 16.20 2.77
N LEU A 241 -1.30 16.31 2.57
CA LEU A 241 -0.34 15.32 3.08
C LEU A 241 -0.62 15.10 4.57
N GLY A 242 -0.52 13.85 5.01
CA GLY A 242 -0.65 13.54 6.42
C GLY A 242 0.71 13.30 7.06
N ALA A 243 0.69 12.80 8.29
CA ALA A 243 1.93 12.55 9.01
C ALA A 243 2.95 11.81 8.21
N PRO A 244 4.19 12.29 8.19
CA PRO A 244 5.26 11.51 7.55
C PRO A 244 5.44 10.16 8.19
N PRO A 245 5.95 9.22 7.41
CA PRO A 245 6.12 7.85 7.89
C PRO A 245 6.91 7.78 9.18
N THR A 246 6.39 6.99 10.10
CA THR A 246 6.99 6.86 11.43
C THR A 246 6.48 5.63 12.16
N THR A 247 7.23 5.13 13.15
CA THR A 247 6.68 4.12 14.04
C THR A 247 6.19 4.70 15.36
N ALA A 248 6.33 6.01 15.54
CA ALA A 248 5.81 6.70 16.71
C ALA A 248 4.31 6.97 16.52
N THR A 249 3.51 5.93 16.69
CA THR A 249 2.09 5.99 16.42
C THR A 249 1.31 6.13 17.71
N ALA A 250 0.01 6.33 17.58
CA ALA A 250 -0.90 6.52 18.70
C ALA A 250 -1.85 5.34 18.85
N GLY A 251 -1.52 4.21 18.23
CA GLY A 251 -2.33 3.02 18.37
C GLY A 251 -1.52 1.88 18.97
N ALA A 252 -2.15 1.15 19.89
CA ALA A 252 -1.44 0.10 20.61
C ALA A 252 -0.90 -1.00 19.71
N HIS A 253 -1.58 -1.24 18.60
CA HIS A 253 -1.14 -2.26 17.64
C HIS A 253 -0.76 -1.69 16.26
N ALA A 254 -0.60 -0.37 16.18
CA ALA A 254 -0.19 0.32 14.95
C ALA A 254 1.34 0.36 14.85
N ASP A 255 1.89 -0.49 14.01
CA ASP A 255 3.33 -0.55 13.82
C ASP A 255 3.89 0.71 13.18
N ALA A 256 3.14 1.33 12.26
CA ALA A 256 3.64 2.51 11.57
C ALA A 256 2.54 3.28 10.88
N TYR A 257 2.81 4.56 10.67
CA TYR A 257 2.17 5.35 9.60
C TYR A 257 3.11 5.27 8.41
N LEU A 258 2.59 4.91 7.23
CA LEU A 258 3.37 4.82 6.00
C LEU A 258 2.75 5.67 4.94
N TRP A 259 3.54 6.02 3.93
CA TRP A 259 2.97 6.56 2.69
C TRP A 259 2.96 5.41 1.67
N ILE A 260 1.84 4.74 1.53
CA ILE A 260 1.72 3.57 0.65
C ILE A 260 1.38 4.06 -0.75
N LYS A 261 0.23 4.70 -0.89
CA LYS A 261 -0.01 5.55 -2.05
C LYS A 261 1.09 6.60 -2.19
N ARG A 262 1.52 6.87 -3.43
CA ARG A 262 2.50 7.92 -3.70
C ARG A 262 1.83 9.27 -4.02
N PRO A 263 1.91 10.24 -3.10
CA PRO A 263 1.28 11.56 -3.36
C PRO A 263 1.73 12.15 -4.67
N GLY A 264 0.78 12.64 -5.46
CA GLY A 264 1.08 13.13 -6.80
C GLY A 264 0.53 12.21 -7.85
N GLU A 265 0.47 10.90 -7.58
CA GLU A 265 -0.11 10.00 -8.58
C GLU A 265 -1.60 10.16 -8.66
N SER A 266 -2.11 10.17 -9.89
CA SER A 266 -3.54 10.25 -10.13
C SER A 266 -4.21 8.99 -9.64
N ASP A 267 -5.46 9.11 -9.18
CA ASP A 267 -6.21 7.94 -8.82
C ASP A 267 -6.96 7.32 -10.01
N GLY A 268 -6.96 8.00 -11.15
CA GLY A 268 -7.68 7.57 -12.35
C GLY A 268 -8.23 8.72 -13.16
N THR A 269 -8.95 8.36 -14.24
CA THR A 269 -9.58 9.37 -15.03
C THR A 269 -10.73 10.05 -14.26
N CYS A 270 -11.37 9.28 -13.36
CA CYS A 270 -12.29 9.82 -12.36
C CYS A 270 -13.54 10.52 -12.96
N GLY A 271 -13.85 10.15 -14.19
CA GLY A 271 -14.99 10.70 -14.91
C GLY A 271 -14.83 12.14 -15.34
N ARG A 272 -13.57 12.59 -15.38
CA ARG A 272 -13.28 13.97 -15.66
C ARG A 272 -12.13 14.06 -16.66
N GLY A 273 -11.74 12.94 -17.25
CA GLY A 273 -10.62 12.94 -18.19
C GLY A 273 -9.29 13.24 -17.53
N GLU A 274 -9.16 12.93 -16.24
CA GLU A 274 -7.89 13.14 -15.51
C GLU A 274 -6.84 12.08 -15.88
N PRO A 275 -5.58 12.23 -15.48
CA PRO A 275 -4.58 11.26 -15.92
C PRO A 275 -4.84 9.83 -15.41
N GLN A 276 -4.42 8.85 -16.21
CA GLN A 276 -4.60 7.43 -15.89
C GLN A 276 -4.05 7.14 -14.50
N ALA A 277 -4.66 6.17 -13.82
CA ALA A 277 -4.30 5.81 -12.46
C ALA A 277 -2.80 5.48 -12.44
N GLY A 278 -2.10 6.05 -11.46
CA GLY A 278 -0.66 5.85 -11.29
C GLY A 278 0.29 6.83 -11.94
N ARG A 279 -0.21 7.65 -12.85
CA ARG A 279 0.62 8.64 -13.48
C ARG A 279 0.89 9.80 -12.51
N PHE A 280 2.15 10.16 -12.40
CA PHE A 280 2.55 11.24 -11.55
C PHE A 280 2.13 12.59 -12.12
N VAL A 281 1.50 13.39 -11.27
CA VAL A 281 1.04 14.72 -11.64
C VAL A 281 1.68 15.69 -10.68
N SER A 282 2.69 16.44 -11.14
CA SER A 282 3.35 17.40 -10.21
C SER A 282 2.38 18.29 -9.51
N GLN A 283 1.39 18.82 -10.23
CA GLN A 283 0.40 19.68 -9.63
C GLN A 283 -0.32 19.01 -8.43
N TYR A 284 -0.59 17.73 -8.53
CA TYR A 284 -1.31 17.04 -7.46
C TYR A 284 -0.43 16.96 -6.20
N ALA A 285 0.83 16.65 -6.40
CA ALA A 285 1.79 16.61 -5.26
C ALA A 285 1.95 18.01 -4.66
N ILE A 286 2.07 19.03 -5.51
CA ILE A 286 2.12 20.40 -5.01
C ILE A 286 0.89 20.76 -4.22
N ASP A 287 -0.31 20.44 -4.72
CA ASP A 287 -1.53 20.80 -4.02
C ASP A 287 -1.61 20.12 -2.64
N LEU A 288 -1.25 18.84 -2.57
CA LEU A 288 -1.32 18.10 -1.32
C LEU A 288 -0.34 18.72 -0.30
N ALA A 289 0.83 19.12 -0.75
CA ALA A 289 1.84 19.74 0.11
C ALA A 289 1.41 21.14 0.53
N HIS A 290 0.88 21.90 -0.43
CA HIS A 290 0.36 23.25 -0.15
CA HIS A 290 0.36 23.23 -0.15
C HIS A 290 -0.75 23.22 0.90
N ASN A 291 -1.65 22.25 0.79
CA ASN A 291 -2.75 22.12 1.72
C ASN A 291 -2.32 21.70 3.14
N ALA A 292 -1.16 21.08 3.24
CA ALA A 292 -0.52 20.78 4.53
C ALA A 292 0.36 21.95 5.06
N GLY A 293 0.36 23.07 4.35
CA GLY A 293 1.09 24.26 4.76
C GLY A 293 2.52 24.38 4.27
N GLN A 294 2.94 23.50 3.35
CA GLN A 294 4.29 23.50 2.78
C GLN A 294 4.36 24.08 1.39
#